data_6VWC
#
_entry.id   6VWC
#
_cell.length_a   33.304
_cell.length_b   94.584
_cell.length_c   54.272
_cell.angle_alpha   90
_cell.angle_beta   90.93
_cell.angle_gamma   90
#
_symmetry.space_group_name_H-M   'P 1 21 1'
#
loop_
_entity.id
_entity.type
_entity.pdbx_description
1 polymer 'Bcl-2-like protein 1'
2 non-polymer '6-{8-[(1,3-benzothiazol-2-yl)carbamoyl]-3,4-dihydroisoquinolin-2(1H)-yl}-3-{1-[(pyridin-4-yl)methyl]-1H-pyrazol-4-yl}pyridine-2-carboxylic acid'
3 water water
#
_entity_poly.entity_id   1
_entity_poly.type   'polypeptide(L)'
_entity_poly.pdbx_seq_one_letter_code
;MSQSNRELVVDFLSYKLSQKGYSASGGGGGGGMAAVKQALREAGDEFELRYRRAFSDLTSQLHITPGTAYQSFEQVVNEL
FRDGVNWGRIVAFFSFGGALCVESVDKKMQVLVSRIAAWMATYLNDHLEPWIQENGGWATFVELYGNNAAAESRKGQERL
EHHHHHH
;
_entity_poly.pdbx_strand_id   A,B
#
# COMPACT_ATOMS: atom_id res chain seq x y z
N SER A 2 -4.00 -28.64 -1.14
CA SER A 2 -2.82 -29.24 -1.79
C SER A 2 -1.53 -28.72 -1.15
N GLN A 3 -0.42 -29.47 -1.29
CA GLN A 3 0.85 -29.03 -0.68
C GLN A 3 1.32 -27.73 -1.30
N SER A 4 1.15 -27.59 -2.62
CA SER A 4 1.58 -26.38 -3.32
C SER A 4 0.79 -25.17 -2.84
N ASN A 5 -0.53 -25.32 -2.62
CA ASN A 5 -1.33 -24.20 -2.12
C ASN A 5 -0.97 -23.87 -0.69
N ARG A 6 -0.63 -24.87 0.14
CA ARG A 6 -0.14 -24.61 1.49
C ARG A 6 1.17 -23.82 1.45
N GLU A 7 2.07 -24.17 0.50
CA GLU A 7 3.34 -23.45 0.38
C GLU A 7 3.12 -22.01 -0.10
N LEU A 8 2.17 -21.79 -1.04
CA LEU A 8 1.90 -20.43 -1.54
C LEU A 8 1.36 -19.56 -0.39
N VAL A 9 0.48 -20.14 0.42
CA VAL A 9 -0.07 -19.41 1.57
C VAL A 9 1.04 -18.99 2.55
N VAL A 10 1.87 -19.94 2.99
CA VAL A 10 2.95 -19.60 3.94
C VAL A 10 3.90 -18.56 3.33
N ASP A 11 4.23 -18.70 2.04
CA ASP A 11 5.12 -17.73 1.39
C ASP A 11 4.52 -16.31 1.39
N PHE A 12 3.26 -16.21 1.00
CA PHE A 12 2.60 -14.89 0.91
C PHE A 12 2.48 -14.23 2.27
N LEU A 13 2.08 -15.02 3.28
CA LEU A 13 1.96 -14.48 4.64
C LEU A 13 3.33 -14.06 5.20
N SER A 14 4.38 -14.85 4.96
CA SER A 14 5.72 -14.48 5.43
C SER A 14 6.18 -13.18 4.74
N TYR A 15 5.88 -13.06 3.44
CA TYR A 15 6.25 -11.87 2.68
C TYR A 15 5.54 -10.63 3.25
N LYS A 16 4.22 -10.75 3.54
CA LYS A 16 3.44 -9.64 4.03
C LYS A 16 3.81 -9.24 5.45
N LEU A 17 4.07 -10.23 6.31
CA LEU A 17 4.52 -9.92 7.68
C LEU A 17 5.84 -9.19 7.67
N SER A 18 6.81 -9.64 6.85
CA SER A 18 8.11 -8.98 6.79
C SER A 18 7.95 -7.56 6.24
N GLN A 19 7.11 -7.42 5.21
CA GLN A 19 6.85 -6.10 4.62
C GLN A 19 6.23 -5.14 5.65
N LYS A 20 5.44 -5.65 6.58
CA LYS A 20 4.76 -4.80 7.57
C LYS A 20 5.50 -4.61 8.88
N GLY A 21 6.77 -4.98 8.92
CA GLY A 21 7.62 -4.76 10.09
C GLY A 21 7.60 -5.84 11.14
N TYR A 22 7.41 -7.11 10.73
CA TYR A 22 7.35 -8.24 11.65
C TYR A 22 8.28 -9.39 11.32
N SER A 23 8.66 -10.18 12.35
CA SER A 23 9.54 -11.31 12.12
C SER A 23 8.76 -12.40 11.41
N ALA A 24 9.35 -13.00 10.37
CA ALA A 24 8.69 -14.07 9.63
C ALA A 24 9.65 -15.24 9.49
N SER A 25 9.50 -16.22 10.37
CA SER A 25 10.34 -17.41 10.35
C SER A 25 9.88 -18.40 9.28
N GLY A 32 10.89 -23.67 -4.20
CA GLY A 32 9.68 -24.28 -4.75
C GLY A 32 9.13 -23.56 -5.97
N MET A 33 7.84 -23.22 -5.92
CA MET A 33 7.17 -22.54 -7.02
C MET A 33 7.52 -21.03 -7.05
N ALA A 34 8.80 -20.74 -7.26
CA ALA A 34 9.35 -19.39 -7.25
C ALA A 34 8.62 -18.39 -8.17
N ALA A 35 8.37 -18.77 -9.44
CA ALA A 35 7.68 -17.85 -10.37
C ALA A 35 6.25 -17.51 -9.88
N VAL A 36 5.52 -18.50 -9.35
CA VAL A 36 4.14 -18.25 -8.87
C VAL A 36 4.18 -17.39 -7.62
N LYS A 37 5.10 -17.71 -6.70
CA LYS A 37 5.24 -16.95 -5.47
C LYS A 37 5.55 -15.47 -5.77
N GLN A 38 6.47 -15.20 -6.70
CA GLN A 38 6.84 -13.83 -7.02
C GLN A 38 5.70 -13.08 -7.68
N ALA A 39 4.97 -13.74 -8.60
CA ALA A 39 3.84 -13.11 -9.28
C ALA A 39 2.74 -12.78 -8.26
N LEU A 40 2.49 -13.68 -7.29
CA LEU A 40 1.43 -13.45 -6.29
C LEU A 40 1.82 -12.35 -5.30
N ARG A 41 3.09 -12.31 -4.88
CA ARG A 41 3.58 -11.24 -4.02
C ARG A 41 3.38 -9.87 -4.69
N GLU A 42 3.76 -9.76 -5.96
CA GLU A 42 3.61 -8.51 -6.70
C GLU A 42 2.17 -8.14 -6.96
N ALA A 43 1.31 -9.14 -7.23
CA ALA A 43 -0.11 -8.87 -7.47
C ALA A 43 -0.76 -8.42 -6.18
N GLY A 44 -0.38 -8.99 -5.03
CA GLY A 44 -0.94 -8.57 -3.75
C GLY A 44 -0.59 -7.11 -3.46
N ASP A 45 0.65 -6.73 -3.78
CA ASP A 45 1.09 -5.35 -3.60
C ASP A 45 0.28 -4.41 -4.50
N GLU A 46 0.11 -4.79 -5.78
CA GLU A 46 -0.67 -3.98 -6.73
C GLU A 46 -2.13 -3.88 -6.28
N PHE A 47 -2.69 -4.99 -5.77
CA PHE A 47 -4.06 -4.99 -5.27
C PHE A 47 -4.19 -3.98 -4.13
N GLU A 48 -3.27 -4.02 -3.17
CA GLU A 48 -3.36 -3.13 -2.03
C GLU A 48 -3.20 -1.65 -2.41
N LEU A 49 -2.35 -1.37 -3.38
CA LEU A 49 -2.09 0.03 -3.77
C LEU A 49 -3.23 0.59 -4.59
N ARG A 50 -3.74 -0.22 -5.55
CA ARG A 50 -4.63 0.34 -6.56
C ARG A 50 -6.06 -0.10 -6.57
N TYR A 51 -6.40 -1.27 -6.00
CA TYR A 51 -7.77 -1.76 -6.11
C TYR A 51 -8.53 -1.96 -4.81
N ARG A 52 -7.82 -2.18 -3.69
CA ARG A 52 -8.49 -2.51 -2.45
C ARG A 52 -9.49 -1.50 -1.93
N ARG A 53 -9.15 -0.21 -1.98
CA ARG A 53 -10.00 0.79 -1.33
C ARG A 53 -11.43 0.89 -1.94
N ALA A 54 -11.62 0.36 -3.14
CA ALA A 54 -12.95 0.36 -3.77
C ALA A 54 -13.95 -0.56 -3.07
N PHE A 55 -13.43 -1.56 -2.32
CA PHE A 55 -14.25 -2.59 -1.72
C PHE A 55 -14.42 -2.44 -0.23
N SER A 56 -15.46 -3.09 0.30
CA SER A 56 -15.70 -3.15 1.74
C SER A 56 -14.45 -3.73 2.46
N ASP A 57 -14.06 -3.13 3.59
CA ASP A 57 -12.89 -3.59 4.33
C ASP A 57 -13.32 -4.79 5.14
N LEU A 58 -12.92 -6.01 4.70
CA LEU A 58 -13.37 -7.23 5.37
C LEU A 58 -12.78 -7.43 6.76
N THR A 59 -11.71 -6.70 7.12
CA THR A 59 -11.17 -6.82 8.49
C THR A 59 -12.17 -6.22 9.51
N SER A 60 -13.02 -5.26 9.08
CA SER A 60 -14.02 -4.69 9.97
C SER A 60 -15.17 -5.70 10.27
N GLN A 61 -15.27 -6.82 9.53
CA GLN A 61 -16.30 -7.87 9.70
C GLN A 61 -15.82 -9.10 10.45
N LEU A 62 -14.51 -9.24 10.67
CA LEU A 62 -13.96 -10.41 11.33
C LEU A 62 -12.94 -9.90 12.31
N HIS A 63 -13.22 -10.11 13.56
CA HIS A 63 -12.41 -9.70 14.71
C HIS A 63 -11.84 -11.03 15.20
N ILE A 64 -10.63 -11.40 14.77
CA ILE A 64 -10.07 -12.69 15.13
C ILE A 64 -9.46 -12.70 16.51
N THR A 65 -9.82 -13.71 17.28
CA THR A 65 -9.29 -13.96 18.61
C THR A 65 -8.93 -15.46 18.67
N PRO A 66 -8.34 -15.93 19.79
CA PRO A 66 -8.10 -17.38 19.94
C PRO A 66 -9.38 -18.24 19.99
N GLY A 67 -10.55 -17.60 20.09
CA GLY A 67 -11.84 -18.30 20.09
C GLY A 67 -12.52 -18.36 18.72
N THR A 68 -11.92 -17.71 17.69
CA THR A 68 -12.49 -17.68 16.33
C THR A 68 -12.40 -19.03 15.61
N ALA A 69 -13.54 -19.45 15.04
CA ALA A 69 -13.66 -20.70 14.31
C ALA A 69 -13.36 -20.48 12.85
N TYR A 70 -12.89 -21.53 12.16
CA TYR A 70 -12.66 -21.50 10.71
C TYR A 70 -13.95 -21.04 9.97
N GLN A 71 -15.11 -21.61 10.35
CA GLN A 71 -16.35 -21.30 9.66
C GLN A 71 -16.73 -19.82 9.79
N SER A 72 -16.21 -19.08 10.80
CA SER A 72 -16.47 -17.63 10.87
C SER A 72 -15.64 -16.89 9.79
N PHE A 73 -14.39 -17.31 9.60
CA PHE A 73 -13.52 -16.80 8.52
C PHE A 73 -14.14 -17.16 7.14
N GLU A 74 -14.61 -18.41 6.99
CA GLU A 74 -15.21 -18.87 5.74
C GLU A 74 -16.38 -17.96 5.32
N GLN A 75 -17.26 -17.62 6.28
CA GLN A 75 -18.41 -16.76 5.93
C GLN A 75 -18.01 -15.38 5.45
N VAL A 76 -16.99 -14.77 6.06
CA VAL A 76 -16.53 -13.46 5.65
C VAL A 76 -15.88 -13.54 4.27
N VAL A 77 -15.04 -14.57 4.07
CA VAL A 77 -14.38 -14.74 2.76
C VAL A 77 -15.40 -15.00 1.65
N ASN A 78 -16.52 -15.68 1.98
CA ASN A 78 -17.57 -15.92 0.98
C ASN A 78 -18.09 -14.61 0.37
N GLU A 79 -18.10 -13.50 1.14
CA GLU A 79 -18.52 -12.19 0.61
C GLU A 79 -17.61 -11.77 -0.54
N LEU A 80 -16.29 -12.00 -0.38
CA LEU A 80 -15.31 -11.67 -1.40
C LEU A 80 -15.65 -12.37 -2.73
N PHE A 81 -16.11 -13.63 -2.66
CA PHE A 81 -16.43 -14.40 -3.84
C PHE A 81 -17.95 -14.45 -4.16
N ARG A 82 -18.73 -13.51 -3.61
CA ARG A 82 -20.19 -13.49 -3.79
C ARG A 82 -20.64 -13.56 -5.24
N ASP A 83 -19.86 -12.97 -6.16
CA ASP A 83 -20.21 -13.01 -7.58
C ASP A 83 -19.35 -13.93 -8.41
N GLY A 84 -18.74 -14.91 -7.78
CA GLY A 84 -17.88 -15.85 -8.48
C GLY A 84 -16.41 -15.61 -8.21
N VAL A 85 -15.60 -16.46 -8.81
CA VAL A 85 -14.15 -16.38 -8.63
C VAL A 85 -13.50 -15.78 -9.87
N ASN A 86 -12.46 -15.00 -9.67
CA ASN A 86 -11.57 -14.52 -10.70
C ASN A 86 -10.17 -14.33 -10.08
N TRP A 87 -9.13 -14.18 -10.92
CA TRP A 87 -7.76 -14.07 -10.37
C TRP A 87 -7.59 -12.91 -9.42
N GLY A 88 -8.20 -11.78 -9.72
CA GLY A 88 -8.12 -10.61 -8.85
C GLY A 88 -8.75 -10.81 -7.49
N ARG A 89 -9.88 -11.54 -7.42
CA ARG A 89 -10.52 -11.83 -6.13
C ARG A 89 -9.67 -12.86 -5.34
N ILE A 90 -8.98 -13.78 -6.04
CA ILE A 90 -8.07 -14.70 -5.34
C ILE A 90 -6.91 -13.88 -4.76
N VAL A 91 -6.37 -12.91 -5.49
CA VAL A 91 -5.30 -12.06 -4.96
C VAL A 91 -5.83 -11.29 -3.74
N ALA A 92 -7.05 -10.76 -3.84
CA ALA A 92 -7.73 -10.07 -2.71
C ALA A 92 -7.81 -10.96 -1.48
N PHE A 93 -8.09 -12.26 -1.68
CA PHE A 93 -8.16 -13.26 -0.62
C PHE A 93 -6.82 -13.41 0.08
N PHE A 94 -5.72 -13.53 -0.69
CA PHE A 94 -4.38 -13.64 -0.10
C PHE A 94 -4.07 -12.34 0.67
N SER A 95 -4.39 -11.20 0.07
CA SER A 95 -4.14 -9.90 0.71
C SER A 95 -4.91 -9.81 2.05
N PHE A 96 -6.14 -10.32 2.08
CA PHE A 96 -6.97 -10.31 3.29
C PHE A 96 -6.33 -11.16 4.38
N GLY A 97 -5.88 -12.36 4.02
CA GLY A 97 -5.19 -13.24 4.97
C GLY A 97 -3.95 -12.56 5.54
N GLY A 98 -3.20 -11.90 4.66
CA GLY A 98 -2.03 -11.10 5.06
C GLY A 98 -2.37 -10.05 6.12
N ALA A 99 -3.46 -9.30 5.88
CA ALA A 99 -3.91 -8.25 6.79
C ALA A 99 -4.36 -8.80 8.13
N LEU A 100 -5.02 -9.97 8.12
CA LEU A 100 -5.44 -10.60 9.39
C LEU A 100 -4.19 -11.02 10.19
N CYS A 101 -3.16 -11.51 9.50
CA CYS A 101 -1.92 -11.89 10.19
C CYS A 101 -1.23 -10.73 10.81
N VAL A 102 -1.09 -9.63 10.05
CA VAL A 102 -0.43 -8.42 10.58
C VAL A 102 -1.22 -7.89 11.80
N GLU A 103 -2.56 -7.88 11.73
CA GLU A 103 -3.38 -7.47 12.88
C GLU A 103 -3.17 -8.40 14.08
N SER A 104 -3.10 -9.72 13.83
CA SER A 104 -2.89 -10.69 14.91
C SER A 104 -1.56 -10.45 15.62
N VAL A 105 -0.49 -10.24 14.87
CA VAL A 105 0.82 -9.98 15.48
C VAL A 105 0.82 -8.65 16.25
N ASP A 106 0.12 -7.64 15.70
CA ASP A 106 -0.03 -6.33 16.32
C ASP A 106 -0.66 -6.45 17.72
N LYS A 107 -1.68 -7.31 17.84
CA LYS A 107 -2.42 -7.52 19.10
C LYS A 107 -1.83 -8.64 19.97
N LYS A 108 -0.57 -9.02 19.74
CA LYS A 108 0.14 -10.05 20.49
C LYS A 108 -0.58 -11.41 20.50
N MET A 109 -1.14 -11.79 19.35
CA MET A 109 -1.83 -13.07 19.20
C MET A 109 -1.13 -13.90 18.09
N GLN A 110 0.17 -14.23 18.29
CA GLN A 110 0.97 -14.98 17.31
C GLN A 110 0.34 -16.31 16.90
N VAL A 111 -0.33 -17.01 17.84
CA VAL A 111 -1.01 -18.27 17.57
C VAL A 111 -1.95 -18.19 16.37
N LEU A 112 -2.49 -16.99 16.12
CA LEU A 112 -3.44 -16.83 15.04
C LEU A 112 -2.82 -16.88 13.68
N VAL A 113 -1.52 -16.55 13.54
CA VAL A 113 -0.87 -16.58 12.22
C VAL A 113 -0.95 -17.96 11.58
N SER A 114 -0.52 -19.01 12.31
CA SER A 114 -0.61 -20.36 11.75
C SER A 114 -2.06 -20.82 11.58
N ARG A 115 -3.00 -20.31 12.39
CA ARG A 115 -4.41 -20.68 12.21
C ARG A 115 -4.95 -20.06 10.95
N ILE A 116 -4.63 -18.79 10.69
CA ILE A 116 -5.09 -18.13 9.46
C ILE A 116 -4.46 -18.82 8.24
N ALA A 117 -3.20 -19.25 8.36
CA ALA A 117 -2.56 -19.98 7.25
C ALA A 117 -3.33 -21.29 6.94
N ALA A 118 -3.71 -22.03 7.99
CA ALA A 118 -4.47 -23.28 7.83
C ALA A 118 -5.87 -22.97 7.26
N TRP A 119 -6.52 -21.89 7.73
CA TRP A 119 -7.83 -21.52 7.22
C TRP A 119 -7.79 -21.20 5.75
N MET A 120 -6.77 -20.46 5.33
CA MET A 120 -6.61 -20.09 3.92
C MET A 120 -6.42 -21.32 3.06
N ALA A 121 -5.57 -22.27 3.53
CA ALA A 121 -5.39 -23.52 2.79
C ALA A 121 -6.71 -24.31 2.71
N THR A 122 -7.51 -24.34 3.80
CA THR A 122 -8.79 -25.04 3.75
C THR A 122 -9.75 -24.38 2.76
N TYR A 123 -9.81 -23.05 2.78
CA TYR A 123 -10.69 -22.30 1.88
C TYR A 123 -10.28 -22.53 0.43
N LEU A 124 -8.97 -22.49 0.12
CA LEU A 124 -8.48 -22.79 -1.22
C LEU A 124 -8.94 -24.20 -1.66
N ASN A 125 -8.72 -25.21 -0.82
CA ASN A 125 -9.11 -26.59 -1.13
C ASN A 125 -10.62 -26.72 -1.40
N ASP A 126 -11.45 -26.18 -0.50
CA ASP A 126 -12.87 -26.34 -0.59
C ASP A 126 -13.54 -25.53 -1.68
N HIS A 127 -13.07 -24.30 -1.91
CA HIS A 127 -13.82 -23.40 -2.78
C HIS A 127 -13.11 -22.85 -3.99
N LEU A 128 -11.77 -22.87 -4.01
CA LEU A 128 -11.04 -22.22 -5.11
C LEU A 128 -10.25 -23.14 -6.04
N GLU A 129 -9.71 -24.27 -5.54
CA GLU A 129 -8.90 -25.17 -6.37
C GLU A 129 -9.60 -25.63 -7.64
N PRO A 130 -10.90 -26.01 -7.62
CA PRO A 130 -11.55 -26.42 -8.87
C PRO A 130 -11.55 -25.31 -9.91
N TRP A 131 -11.84 -24.06 -9.48
CA TRP A 131 -11.83 -22.91 -10.40
C TRP A 131 -10.42 -22.69 -10.91
N ILE A 132 -9.41 -22.78 -10.02
CA ILE A 132 -8.02 -22.54 -10.43
C ILE A 132 -7.61 -23.52 -11.51
N GLN A 133 -7.92 -24.82 -11.30
CA GLN A 133 -7.59 -25.84 -12.31
C GLN A 133 -8.32 -25.57 -13.63
N GLU A 134 -9.60 -25.25 -13.56
CA GLU A 134 -10.40 -24.98 -14.75
C GLU A 134 -9.90 -23.78 -15.53
N ASN A 135 -9.30 -22.80 -14.83
CA ASN A 135 -8.85 -21.56 -15.46
C ASN A 135 -7.34 -21.54 -15.79
N GLY A 136 -6.75 -22.70 -15.95
CA GLY A 136 -5.37 -22.81 -16.39
C GLY A 136 -4.29 -22.98 -15.35
N GLY A 137 -4.64 -23.03 -14.07
CA GLY A 137 -3.67 -23.24 -13.02
C GLY A 137 -2.88 -21.99 -12.69
N TRP A 138 -2.04 -22.09 -11.66
CA TRP A 138 -1.20 -20.95 -11.27
C TRP A 138 -0.22 -20.55 -12.41
N ALA A 139 0.11 -21.48 -13.33
CA ALA A 139 0.93 -21.13 -14.50
C ALA A 139 0.23 -20.11 -15.38
N THR A 140 -1.11 -20.19 -15.49
CA THR A 140 -1.86 -19.22 -16.27
C THR A 140 -1.95 -17.87 -15.55
N PHE A 141 -2.00 -17.89 -14.21
CA PHE A 141 -1.95 -16.66 -13.40
C PHE A 141 -0.62 -15.93 -13.70
N VAL A 142 0.47 -16.69 -13.81
CA VAL A 142 1.78 -16.10 -14.12
C VAL A 142 1.79 -15.49 -15.53
N GLU A 143 1.18 -16.16 -16.54
CA GLU A 143 1.15 -15.58 -17.89
C GLU A 143 0.39 -14.26 -17.91
N LEU A 144 -0.70 -14.17 -17.14
CA LEU A 144 -1.53 -12.98 -17.13
C LEU A 144 -0.98 -11.83 -16.28
N TYR A 145 -0.36 -12.15 -15.13
CA TYR A 145 0.03 -11.10 -14.18
C TYR A 145 1.49 -11.04 -13.78
N GLY A 146 2.29 -11.96 -14.29
CA GLY A 146 3.71 -12.03 -13.99
C GLY A 146 4.51 -11.06 -14.84
N SER B 2 10.03 26.68 -8.07
CA SER B 2 10.33 26.50 -9.48
C SER B 2 9.23 25.74 -10.21
N GLN B 3 9.13 25.93 -11.52
CA GLN B 3 8.15 25.20 -12.32
C GLN B 3 8.43 23.69 -12.24
N SER B 4 9.71 23.27 -12.23
CA SER B 4 10.05 21.85 -12.16
C SER B 4 9.59 21.21 -10.85
N ASN B 5 9.74 21.94 -9.74
CA ASN B 5 9.26 21.43 -8.45
C ASN B 5 7.76 21.34 -8.40
N ARG B 6 7.07 22.36 -8.93
CA ARG B 6 5.60 22.35 -8.96
C ARG B 6 5.11 21.18 -9.80
N GLU B 7 5.77 20.94 -10.95
CA GLU B 7 5.36 19.86 -11.84
C GLU B 7 5.67 18.46 -11.26
N LEU B 8 6.73 18.35 -10.46
CA LEU B 8 7.08 17.07 -9.84
C LEU B 8 6.00 16.71 -8.78
N VAL B 9 5.57 17.74 -8.02
CA VAL B 9 4.51 17.58 -7.02
C VAL B 9 3.20 17.20 -7.73
N VAL B 10 2.80 17.96 -8.76
CA VAL B 10 1.55 17.65 -9.46
C VAL B 10 1.56 16.24 -10.08
N ASP B 11 2.69 15.81 -10.63
CA ASP B 11 2.80 14.46 -11.21
C ASP B 11 2.59 13.40 -10.14
N PHE B 12 3.25 13.55 -8.99
CA PHE B 12 3.12 12.52 -7.94
C PHE B 12 1.70 12.50 -7.39
N LEU B 13 1.09 13.69 -7.20
CA LEU B 13 -0.27 13.73 -6.67
C LEU B 13 -1.27 13.15 -7.65
N SER B 14 -1.08 13.40 -8.95
CA SER B 14 -1.96 12.86 -9.98
C SER B 14 -1.85 11.34 -10.02
N TYR B 15 -0.62 10.81 -9.90
CA TYR B 15 -0.39 9.38 -9.88
C TYR B 15 -1.12 8.74 -8.70
N LYS B 16 -0.99 9.37 -7.52
CA LYS B 16 -1.60 8.83 -6.31
C LYS B 16 -3.11 8.89 -6.36
N LEU B 17 -3.66 10.00 -6.89
CA LEU B 17 -5.12 10.12 -7.00
C LEU B 17 -5.67 9.08 -7.95
N SER B 18 -5.01 8.92 -9.12
CA SER B 18 -5.42 7.92 -10.11
C SER B 18 -5.32 6.51 -9.55
N GLN B 19 -4.29 6.26 -8.74
CA GLN B 19 -4.12 4.95 -8.09
C GLN B 19 -5.22 4.67 -7.05
N LYS B 20 -5.73 5.70 -6.38
CA LYS B 20 -6.72 5.51 -5.31
C LYS B 20 -8.17 5.64 -5.78
N GLY B 21 -8.41 5.53 -7.08
CA GLY B 21 -9.75 5.56 -7.62
C GLY B 21 -10.35 6.94 -7.80
N TYR B 22 -9.53 7.90 -8.35
CA TYR B 22 -9.97 9.28 -8.60
C TYR B 22 -9.50 9.87 -9.95
N SER B 23 -10.27 10.85 -10.45
CA SER B 23 -9.97 11.54 -11.69
C SER B 23 -8.87 12.57 -11.41
N ALA B 24 -7.83 12.60 -12.25
CA ALA B 24 -6.73 13.55 -12.06
C ALA B 24 -6.19 14.03 -13.40
N GLY B 31 6.08 17.74 -18.28
CA GLY B 31 6.82 17.06 -19.33
C GLY B 31 8.29 16.79 -19.03
N GLY B 32 8.83 17.42 -17.99
CA GLY B 32 10.24 17.27 -17.66
C GLY B 32 10.53 16.21 -16.63
N MET B 33 11.81 16.00 -16.34
CA MET B 33 12.30 15.06 -15.32
C MET B 33 11.59 13.69 -15.36
N ALA B 34 11.43 13.10 -16.56
CA ALA B 34 10.72 11.83 -16.73
C ALA B 34 11.22 10.71 -15.81
N ALA B 35 12.54 10.50 -15.74
CA ALA B 35 13.09 9.44 -14.90
C ALA B 35 12.91 9.72 -13.42
N VAL B 36 12.95 11.00 -13.01
CA VAL B 36 12.75 11.37 -11.62
C VAL B 36 11.32 11.07 -11.23
N LYS B 37 10.35 11.48 -12.09
CA LYS B 37 8.92 11.26 -11.81
C LYS B 37 8.63 9.76 -11.63
N GLN B 38 9.17 8.95 -12.52
CA GLN B 38 8.96 7.50 -12.43
C GLN B 38 9.59 6.91 -11.18
N ALA B 39 10.87 7.29 -10.87
CA ALA B 39 11.51 6.76 -9.68
C ALA B 39 10.74 7.18 -8.41
N LEU B 40 10.23 8.42 -8.36
CA LEU B 40 9.51 8.92 -7.19
C LEU B 40 8.17 8.21 -7.02
N ARG B 41 7.46 7.96 -8.13
CA ARG B 41 6.20 7.22 -8.09
C ARG B 41 6.44 5.81 -7.47
N GLU B 42 7.46 5.12 -7.94
CA GLU B 42 7.78 3.77 -7.43
C GLU B 42 8.24 3.80 -6.00
N ALA B 43 9.04 4.84 -5.64
CA ALA B 43 9.55 4.95 -4.26
C ALA B 43 8.39 5.23 -3.30
N GLY B 44 7.41 6.02 -3.74
CA GLY B 44 6.26 6.31 -2.89
C GLY B 44 5.46 5.03 -2.63
N ASP B 45 5.29 4.20 -3.65
CA ASP B 45 4.58 2.92 -3.51
C ASP B 45 5.34 2.01 -2.54
N GLU B 46 6.69 1.95 -2.69
CA GLU B 46 7.53 1.12 -1.81
C GLU B 46 7.46 1.65 -0.39
N PHE B 47 7.48 2.97 -0.21
CA PHE B 47 7.33 3.56 1.13
C PHE B 47 6.01 3.16 1.77
N GLU B 48 4.89 3.27 1.02
CA GLU B 48 3.59 2.95 1.58
C GLU B 48 3.47 1.45 1.93
N LEU B 49 4.05 0.60 1.11
CA LEU B 49 3.97 -0.86 1.34
C LEU B 49 4.84 -1.31 2.48
N ARG B 50 6.10 -0.81 2.53
CA ARG B 50 7.10 -1.42 3.42
C ARG B 50 7.63 -0.59 4.60
N TYR B 51 7.49 0.75 4.57
CA TYR B 51 8.11 1.57 5.59
C TYR B 51 7.20 2.45 6.40
N ARG B 52 6.07 2.88 5.82
CA ARG B 52 5.19 3.82 6.48
C ARG B 52 4.66 3.40 7.85
N ARG B 53 4.22 2.14 7.97
CA ARG B 53 3.62 1.61 9.19
C ARG B 53 4.50 1.85 10.43
N ALA B 54 5.82 1.93 10.26
CA ALA B 54 6.73 2.14 11.39
C ALA B 54 6.60 3.51 12.04
N PHE B 55 6.04 4.48 11.31
CA PHE B 55 6.01 5.86 11.78
C PHE B 55 4.64 6.34 12.16
N SER B 56 4.61 7.43 12.94
CA SER B 56 3.37 8.06 13.34
C SER B 56 2.53 8.47 12.11
N ASP B 57 1.23 8.23 12.14
CA ASP B 57 0.36 8.58 11.02
C ASP B 57 0.13 10.08 11.06
N LEU B 58 0.78 10.84 10.17
CA LEU B 58 0.64 12.30 10.19
C LEU B 58 -0.73 12.81 9.83
N THR B 59 -1.55 11.99 9.14
CA THR B 59 -2.92 12.43 8.82
C THR B 59 -3.73 12.59 10.11
N SER B 60 -3.34 11.95 11.23
CA SER B 60 -4.05 12.12 12.49
C SER B 60 -3.76 13.49 13.17
N GLN B 61 -2.73 14.22 12.68
CA GLN B 61 -2.33 15.53 13.21
C GLN B 61 -2.81 16.72 12.37
N LEU B 62 -3.24 16.46 11.15
CA LEU B 62 -3.63 17.53 10.24
C LEU B 62 -4.86 17.07 9.52
N HIS B 63 -5.98 17.68 9.83
CA HIS B 63 -7.22 17.37 9.15
C HIS B 63 -7.56 18.64 8.39
N ILE B 64 -7.20 18.63 7.09
CA ILE B 64 -7.37 19.79 6.21
C ILE B 64 -8.82 20.08 5.93
N THR B 65 -9.14 21.36 5.96
CA THR B 65 -10.45 21.87 5.58
C THR B 65 -10.18 23.11 4.71
N PRO B 66 -11.19 23.75 4.10
CA PRO B 66 -10.94 25.02 3.40
C PRO B 66 -10.43 26.17 4.29
N GLY B 67 -10.41 25.96 5.62
CA GLY B 67 -9.90 26.93 6.58
C GLY B 67 -8.45 26.71 6.98
N THR B 68 -7.84 25.60 6.52
CA THR B 68 -6.46 25.29 6.91
C THR B 68 -5.45 26.20 6.25
N ALA B 69 -4.53 26.71 7.08
CA ALA B 69 -3.46 27.58 6.65
C ALA B 69 -2.23 26.79 6.22
N TYR B 70 -1.44 27.38 5.31
CA TYR B 70 -0.18 26.75 4.90
C TYR B 70 0.72 26.48 6.12
N GLN B 71 0.81 27.47 7.03
CA GLN B 71 1.71 27.30 8.18
C GLN B 71 1.28 26.16 9.11
N SER B 72 0.00 25.74 9.08
CA SER B 72 -0.41 24.57 9.89
C SER B 72 0.13 23.28 9.24
N PHE B 73 0.06 23.20 7.90
CA PHE B 73 0.63 22.08 7.17
C PHE B 73 2.16 22.06 7.39
N GLU B 74 2.80 23.24 7.34
CA GLU B 74 4.24 23.35 7.49
C GLU B 74 4.70 22.75 8.84
N GLN B 75 3.96 23.07 9.92
CA GLN B 75 4.34 22.58 11.25
C GLN B 75 4.27 21.08 11.36
N VAL B 76 3.28 20.47 10.70
CA VAL B 76 3.12 19.02 10.76
C VAL B 76 4.20 18.34 9.94
N VAL B 77 4.47 18.88 8.75
CA VAL B 77 5.52 18.30 7.90
C VAL B 77 6.90 18.44 8.57
N ASN B 78 7.11 19.51 9.37
CA ASN B 78 8.37 19.66 10.10
C ASN B 78 8.68 18.44 10.98
N GLU B 79 7.64 17.78 11.56
CA GLU B 79 7.79 16.57 12.40
C GLU B 79 8.43 15.43 11.59
N LEU B 80 8.07 15.33 10.31
CA LEU B 80 8.64 14.35 9.40
C LEU B 80 10.16 14.53 9.30
N PHE B 81 10.64 15.78 9.27
CA PHE B 81 12.05 16.08 9.15
C PHE B 81 12.71 16.47 10.47
N ARG B 82 12.13 16.03 11.61
CA ARG B 82 12.63 16.38 12.94
C ARG B 82 14.10 16.03 13.14
N ASP B 83 14.57 14.92 12.50
CA ASP B 83 15.96 14.49 12.63
C ASP B 83 16.80 14.74 11.38
N GLY B 84 16.39 15.71 10.57
CA GLY B 84 17.10 16.03 9.35
C GLY B 84 16.44 15.47 8.11
N VAL B 85 17.00 15.82 6.97
CA VAL B 85 16.46 15.38 5.69
C VAL B 85 17.26 14.20 5.15
N ASN B 86 16.57 13.25 4.52
CA ASN B 86 17.16 12.17 3.76
C ASN B 86 16.19 11.81 2.63
N TRP B 87 16.62 11.02 1.63
CA TRP B 87 15.72 10.71 0.51
C TRP B 87 14.44 10.01 0.93
N GLY B 88 14.55 9.06 1.85
CA GLY B 88 13.39 8.30 2.32
C GLY B 88 12.37 9.20 2.98
N ARG B 89 12.84 10.21 3.73
CA ARG B 89 11.96 11.17 4.38
C ARG B 89 11.32 12.13 3.34
N ILE B 90 12.05 12.44 2.25
CA ILE B 90 11.44 13.25 1.17
C ILE B 90 10.35 12.41 0.49
N VAL B 91 10.59 11.11 0.29
CA VAL B 91 9.56 10.23 -0.27
C VAL B 91 8.32 10.21 0.63
N ALA B 92 8.53 10.08 1.95
CA ALA B 92 7.45 10.11 2.93
C ALA B 92 6.62 11.39 2.81
N PHE B 93 7.30 12.52 2.56
CA PHE B 93 6.62 13.82 2.38
C PHE B 93 5.70 13.80 1.16
N PHE B 94 6.18 13.31 0.04
CA PHE B 94 5.31 13.21 -1.16
C PHE B 94 4.14 12.26 -0.86
N SER B 95 4.42 11.12 -0.20
CA SER B 95 3.38 10.15 0.14
C SER B 95 2.33 10.80 1.06
N PHE B 96 2.77 11.61 2.00
CA PHE B 96 1.87 12.30 2.92
C PHE B 96 0.95 13.28 2.16
N GLY B 97 1.54 14.07 1.25
CA GLY B 97 0.74 14.97 0.42
C GLY B 97 -0.29 14.19 -0.40
N GLY B 98 0.12 13.02 -0.92
CA GLY B 98 -0.80 12.14 -1.67
C GLY B 98 -1.99 11.73 -0.83
N ALA B 99 -1.75 11.33 0.42
CA ALA B 99 -2.79 10.87 1.34
C ALA B 99 -3.73 12.00 1.69
N LEU B 100 -3.20 13.23 1.85
CA LEU B 100 -4.06 14.39 2.14
C LEU B 100 -4.98 14.68 0.95
N CYS B 101 -4.48 14.51 -0.28
CA CYS B 101 -5.29 14.74 -1.47
C CYS B 101 -6.38 13.70 -1.58
N VAL B 102 -6.04 12.43 -1.32
CA VAL B 102 -7.04 11.37 -1.42
C VAL B 102 -8.15 11.61 -0.38
N GLU B 103 -7.76 11.97 0.85
CA GLU B 103 -8.72 12.28 1.93
C GLU B 103 -9.61 13.48 1.54
N SER B 104 -9.02 14.50 0.93
CA SER B 104 -9.75 15.70 0.53
C SER B 104 -10.83 15.35 -0.47
N VAL B 105 -10.49 14.55 -1.50
CA VAL B 105 -11.48 14.14 -2.48
C VAL B 105 -12.56 13.25 -1.85
N ASP B 106 -12.18 12.36 -0.91
CA ASP B 106 -13.12 11.48 -0.19
C ASP B 106 -14.18 12.34 0.51
N LYS B 107 -13.75 13.45 1.16
CA LYS B 107 -14.62 14.38 1.91
C LYS B 107 -15.29 15.44 1.06
N LYS B 108 -15.26 15.32 -0.28
CA LYS B 108 -15.84 16.28 -1.22
C LYS B 108 -15.25 17.69 -1.05
N MET B 109 -13.93 17.77 -0.91
CA MET B 109 -13.23 19.03 -0.79
C MET B 109 -12.13 19.10 -1.88
N GLN B 110 -12.52 19.03 -3.17
CA GLN B 110 -11.59 19.09 -4.30
C GLN B 110 -10.73 20.37 -4.25
N VAL B 111 -11.27 21.47 -3.70
CA VAL B 111 -10.53 22.75 -3.58
C VAL B 111 -9.17 22.54 -2.91
N LEU B 112 -9.09 21.57 -1.99
CA LEU B 112 -7.87 21.34 -1.25
C LEU B 112 -6.77 20.72 -2.09
N VAL B 113 -7.10 19.95 -3.14
CA VAL B 113 -6.05 19.30 -3.94
C VAL B 113 -5.00 20.30 -4.50
N SER B 114 -5.45 21.36 -5.21
CA SER B 114 -4.51 22.36 -5.73
C SER B 114 -3.81 23.14 -4.60
N ARG B 115 -4.48 23.30 -3.42
CA ARG B 115 -3.83 23.98 -2.27
C ARG B 115 -2.71 23.13 -1.72
N ILE B 116 -2.96 21.83 -1.56
CA ILE B 116 -1.95 20.91 -1.06
C ILE B 116 -0.79 20.85 -2.04
N ALA B 117 -1.08 20.89 -3.37
CA ALA B 117 0.00 20.86 -4.37
C ALA B 117 0.88 22.12 -4.23
N ALA B 118 0.25 23.27 -4.00
CA ALA B 118 0.96 24.54 -3.83
C ALA B 118 1.77 24.56 -2.52
N TRP B 119 1.20 24.01 -1.45
CA TRP B 119 1.88 23.94 -0.16
C TRP B 119 3.11 23.05 -0.26
N MET B 120 2.98 21.91 -0.93
CA MET B 120 4.11 20.99 -1.09
C MET B 120 5.25 21.65 -1.89
N ALA B 121 4.89 22.39 -2.96
CA ALA B 121 5.91 23.09 -3.74
C ALA B 121 6.62 24.15 -2.87
N THR B 122 5.86 24.88 -2.04
CA THR B 122 6.43 25.89 -1.17
C THR B 122 7.36 25.22 -0.15
N TYR B 123 6.91 24.11 0.45
CA TYR B 123 7.74 23.42 1.47
C TYR B 123 9.03 22.87 0.83
N LEU B 124 8.93 22.26 -0.36
CA LEU B 124 10.11 21.76 -1.08
C LEU B 124 11.09 22.92 -1.35
N ASN B 125 10.60 24.04 -1.91
CA ASN B 125 11.46 25.20 -2.18
C ASN B 125 12.14 25.73 -0.93
N ASP B 126 11.38 25.93 0.16
CA ASP B 126 11.88 26.54 1.38
C ASP B 126 12.74 25.69 2.27
N HIS B 127 12.39 24.42 2.43
CA HIS B 127 13.05 23.57 3.41
C HIS B 127 13.85 22.41 2.86
N LEU B 128 13.54 21.94 1.64
CA LEU B 128 14.19 20.71 1.16
C LEU B 128 15.17 20.92 0.03
N GLU B 129 14.93 21.92 -0.82
CA GLU B 129 15.82 22.22 -1.96
C GLU B 129 17.29 22.39 -1.56
N PRO B 130 17.65 23.09 -0.44
CA PRO B 130 19.08 23.19 -0.10
C PRO B 130 19.72 21.82 0.13
N TRP B 131 19.04 20.92 0.89
CA TRP B 131 19.58 19.58 1.13
C TRP B 131 19.68 18.82 -0.19
N ILE B 132 18.64 18.91 -1.05
CA ILE B 132 18.65 18.22 -2.33
C ILE B 132 19.86 18.64 -3.17
N GLN B 133 20.14 19.95 -3.20
CA GLN B 133 21.27 20.44 -3.97
C GLN B 133 22.57 19.95 -3.39
N GLU B 134 22.70 19.94 -2.06
CA GLU B 134 23.94 19.48 -1.42
C GLU B 134 24.18 17.98 -1.52
N ASN B 135 23.12 17.21 -1.76
CA ASN B 135 23.21 15.76 -1.79
C ASN B 135 23.04 15.15 -3.18
N GLY B 136 23.40 15.91 -4.21
CA GLY B 136 23.47 15.38 -5.56
C GLY B 136 22.27 15.58 -6.45
N GLY B 137 21.24 16.23 -5.94
CA GLY B 137 20.07 16.52 -6.75
C GLY B 137 19.21 15.30 -7.01
N TRP B 138 18.10 15.51 -7.71
CA TRP B 138 17.18 14.41 -8.06
C TRP B 138 17.85 13.38 -8.97
N ALA B 139 18.89 13.78 -9.75
CA ALA B 139 19.60 12.78 -10.58
C ALA B 139 20.27 11.73 -9.68
N THR B 140 20.75 12.15 -8.48
CA THR B 140 21.34 11.21 -7.53
C THR B 140 20.25 10.32 -6.92
N PHE B 141 19.05 10.88 -6.70
CA PHE B 141 17.92 10.11 -6.21
C PHE B 141 17.60 8.98 -7.22
N VAL B 142 17.60 9.29 -8.52
CA VAL B 142 17.35 8.29 -9.56
C VAL B 142 18.45 7.22 -9.59
N GLU B 143 19.73 7.59 -9.41
CA GLU B 143 20.80 6.58 -9.37
C GLU B 143 20.61 5.63 -8.20
N LEU B 144 20.19 6.16 -7.04
CA LEU B 144 20.02 5.34 -5.84
C LEU B 144 18.75 4.49 -5.82
N TYR B 145 17.62 5.04 -6.27
CA TYR B 145 16.33 4.34 -6.16
C TYR B 145 15.55 4.04 -7.45
N GLY B 146 16.06 4.47 -8.60
CA GLY B 146 15.40 4.23 -9.87
C GLY B 146 15.59 2.81 -10.36
#